data_7OYI
#
_entry.id   7OYI
#
_cell.length_a   59.824
_cell.length_b   49.671
_cell.length_c   88.091
_cell.angle_alpha   90.000
_cell.angle_beta   100.481
_cell.angle_gamma   90.000
#
_symmetry.space_group_name_H-M   'P 1 21 1'
#
loop_
_entity.id
_entity.type
_entity.pdbx_description
1 polymer 'Iron-sulfur cluster repair protein YtfE'
2 non-polymer 'MANGANESE (II) ION'
3 non-polymer 'OXYGEN ATOM'
4 non-polymer GLYCEROL
5 non-polymer 'SULFATE ION'
6 non-polymer 'CHLORIDE ION'
7 water water
#
_entity_poly.entity_id   1
_entity_poly.type   'polypeptide(L)'
_entity_poly.pdbx_seq_one_letter_code
;AYRDQPLGELALSIPRASALFRKYDMDYAAGGKQTLARAAARKELDVEVIEAELAKLAEQPIEKDWRSAPLAEIIDHIIV
RYHDRHREQLPELILQATKVERVHADKPSVPKGLTKYLTMLHEELSSHMMKEEQILFPMIKQGMGSQAMGPISVMESLHD
EAGELLEVIKHTTNNVTPPPEACTTWKAMYNGINELIDDLMDHISLENNVLFPRALAGE
;
_entity_poly.pdbx_strand_id   A,B
#
loop_
_chem_comp.id
_chem_comp.type
_chem_comp.name
_chem_comp.formula
CL non-polymer 'CHLORIDE ION' 'Cl -1'
GOL non-polymer GLYCEROL 'C3 H8 O3'
MN non-polymer 'MANGANESE (II) ION' 'Mn 2'
O non-polymer 'OXYGEN ATOM' O
SO4 non-polymer 'SULFATE ION' 'O4 S -2'
#
# COMPACT_ATOMS: atom_id res chain seq x y z
N ALA A 1 1.96 23.40 20.42
CA ALA A 1 2.53 22.28 19.70
C ALA A 1 1.91 22.13 18.34
N TYR A 2 2.75 21.83 17.34
CA TYR A 2 2.24 21.71 15.98
C TYR A 2 1.16 20.62 15.88
N ARG A 3 1.21 19.61 16.73
CA ARG A 3 0.23 18.52 16.60
C ARG A 3 -1.19 19.02 16.81
N ASP A 4 -1.37 20.10 17.54
CA ASP A 4 -2.71 20.60 17.77
C ASP A 4 -3.19 21.55 16.68
N GLN A 5 -2.37 21.82 15.65
CA GLN A 5 -2.79 22.68 14.56
CA GLN A 5 -2.78 22.69 14.55
C GLN A 5 -3.34 21.87 13.39
N PRO A 6 -4.25 22.46 12.61
CA PRO A 6 -4.73 21.77 11.40
C PRO A 6 -3.63 21.60 10.37
N LEU A 7 -3.67 20.46 9.68
CA LEU A 7 -2.73 20.18 8.61
C LEU A 7 -2.69 21.29 7.56
N GLY A 8 -3.86 21.78 7.16
CA GLY A 8 -3.89 22.80 6.12
C GLY A 8 -3.19 24.08 6.53
N GLU A 9 -3.40 24.50 7.78
CA GLU A 9 -2.76 25.70 8.29
C GLU A 9 -1.24 25.52 8.35
N LEU A 10 -0.80 24.32 8.73
CA LEU A 10 0.64 24.05 8.77
C LEU A 10 1.23 24.08 7.37
N ALA A 11 0.53 23.51 6.39
CA ALA A 11 1.02 23.50 5.02
C ALA A 11 1.08 24.91 4.45
N LEU A 12 0.17 25.78 4.86
CA LEU A 12 0.12 27.12 4.30
C LEU A 12 1.03 28.10 5.00
N SER A 13 1.65 27.69 6.12
CA SER A 13 2.46 28.56 6.94
C SER A 13 3.93 28.15 7.05
N ILE A 14 4.29 26.93 6.66
CA ILE A 14 5.63 26.42 6.84
C ILE A 14 6.11 25.99 5.45
N PRO A 15 7.20 26.56 4.95
CA PRO A 15 7.64 26.21 3.59
C PRO A 15 8.03 24.75 3.52
N ARG A 16 7.50 24.07 2.50
CA ARG A 16 7.74 22.67 2.18
C ARG A 16 7.13 21.70 3.18
N ALA A 17 6.28 22.20 4.09
CA ALA A 17 5.55 21.27 4.93
C ALA A 17 4.62 20.42 4.07
N SER A 18 4.10 21.00 2.98
CA SER A 18 3.30 20.21 2.06
C SER A 18 4.07 18.96 1.61
N ALA A 19 5.37 19.11 1.29
CA ALA A 19 6.14 17.97 0.83
C ALA A 19 6.33 16.95 1.95
N LEU A 20 6.49 17.43 3.20
CA LEU A 20 6.60 16.53 4.32
C LEU A 20 5.32 15.73 4.49
N PHE A 21 4.15 16.38 4.40
CA PHE A 21 2.88 15.68 4.54
C PHE A 21 2.67 14.69 3.40
N ARG A 22 3.14 15.03 2.19
CA ARG A 22 3.05 14.06 1.09
C ARG A 22 3.89 12.83 1.36
N LYS A 23 5.09 13.01 1.95
CA LYS A 23 5.94 11.89 2.35
C LYS A 23 5.23 10.94 3.28
N TYR A 24 4.43 11.47 4.19
CA TYR A 24 3.69 10.69 5.15
C TYR A 24 2.29 10.32 4.69
N ASP A 25 1.92 10.70 3.47
CA ASP A 25 0.60 10.37 2.92
C ASP A 25 -0.52 10.92 3.79
N MET A 26 -0.30 12.10 4.36
CA MET A 26 -1.35 12.82 5.09
C MET A 26 -2.07 13.80 4.16
N ASP A 27 -3.39 13.76 4.19
CA ASP A 27 -4.20 14.59 3.30
C ASP A 27 -4.39 15.97 3.91
N TYR A 28 -3.46 16.87 3.60
CA TYR A 28 -3.60 18.26 4.06
C TYR A 28 -4.50 19.10 3.16
N ALA A 29 -4.98 18.54 2.06
CA ALA A 29 -5.71 19.30 1.04
C ALA A 29 -7.21 19.23 1.29
N ALA A 30 -7.81 18.10 1.00
CA ALA A 30 -9.23 17.89 1.31
C ALA A 30 -9.46 17.52 2.78
N GLY A 31 -8.43 17.03 3.47
CA GLY A 31 -8.56 16.72 4.88
C GLY A 31 -7.79 17.66 5.77
N GLY A 32 -7.63 18.91 5.31
CA GLY A 32 -6.78 19.89 5.93
C GLY A 32 -7.30 20.49 7.22
N LYS A 33 -8.57 20.21 7.55
CA LYS A 33 -9.14 20.66 8.81
C LYS A 33 -8.70 19.77 9.98
N GLN A 34 -8.28 18.56 9.70
CA GLN A 34 -7.88 17.64 10.77
C GLN A 34 -6.56 18.08 11.38
N THR A 35 -6.42 17.88 12.70
CA THR A 35 -5.14 18.22 13.31
C THR A 35 -4.04 17.25 12.89
N LEU A 36 -2.79 17.71 12.98
CA LEU A 36 -1.67 16.81 12.79
C LEU A 36 -1.73 15.65 13.77
N ALA A 37 -2.15 15.91 15.02
CA ALA A 37 -2.23 14.85 16.00
C ALA A 37 -3.13 13.71 15.52
N ARG A 38 -4.32 14.06 15.02
CA ARG A 38 -5.27 13.05 14.57
C ARG A 38 -4.74 12.31 13.35
N ALA A 39 -4.17 13.05 12.39
CA ALA A 39 -3.64 12.43 11.18
C ALA A 39 -2.51 11.47 11.50
N ALA A 40 -1.59 11.91 12.35
CA ALA A 40 -0.47 11.07 12.74
C ALA A 40 -0.91 9.85 13.51
N ALA A 41 -1.92 9.99 14.39
CA ALA A 41 -2.41 8.84 15.13
C ALA A 41 -3.01 7.79 14.21
N ARG A 42 -3.80 8.22 13.23
CA ARG A 42 -4.42 7.26 12.31
C ARG A 42 -3.37 6.45 11.57
N LYS A 43 -2.23 7.08 11.23
CA LYS A 43 -1.18 6.41 10.48
C LYS A 43 -0.08 5.86 11.38
N GLU A 44 -0.28 5.86 12.69
CA GLU A 44 0.68 5.27 13.62
C GLU A 44 2.08 5.84 13.39
N LEU A 45 2.18 7.16 13.36
CA LEU A 45 3.44 7.87 13.19
C LEU A 45 3.87 8.51 14.50
N ASP A 46 5.19 8.60 14.69
CA ASP A 46 5.75 9.31 15.84
C ASP A 46 5.56 10.81 15.61
N VAL A 47 4.58 11.40 16.30
CA VAL A 47 4.24 12.79 15.98
C VAL A 47 5.34 13.74 16.47
N GLU A 48 6.11 13.35 17.50
CA GLU A 48 7.22 14.20 17.92
C GLU A 48 8.26 14.37 16.81
N VAL A 49 8.58 13.28 16.10
CA VAL A 49 9.51 13.38 14.98
C VAL A 49 8.99 14.36 13.95
N ILE A 50 7.69 14.28 13.63
CA ILE A 50 7.12 15.19 12.65
C ILE A 50 7.18 16.62 13.15
N GLU A 51 6.96 16.83 14.45
CA GLU A 51 7.04 18.20 14.96
C GLU A 51 8.44 18.75 14.80
N ALA A 52 9.45 17.92 15.00
CA ALA A 52 10.85 18.35 14.87
C ALA A 52 11.19 18.68 13.41
N GLU A 53 10.68 17.88 12.48
CA GLU A 53 10.88 18.15 11.06
C GLU A 53 10.19 19.46 10.66
N LEU A 54 8.97 19.68 11.16
CA LEU A 54 8.28 20.94 10.90
C LEU A 54 9.01 22.11 11.53
N ALA A 55 9.55 21.94 12.75
CA ALA A 55 10.29 23.03 13.37
C ALA A 55 11.47 23.45 12.50
N LYS A 56 12.17 22.48 11.91
CA LYS A 56 13.30 22.83 11.06
C LYS A 56 12.84 23.58 9.82
N LEU A 57 11.73 23.13 9.23
CA LEU A 57 11.21 23.85 8.07
C LEU A 57 10.79 25.26 8.44
N ALA A 58 10.19 25.43 9.63
CA ALA A 58 9.65 26.71 10.06
C ALA A 58 10.71 27.73 10.45
N GLU A 59 11.99 27.38 10.32
CA GLU A 59 13.03 28.38 10.58
C GLU A 59 12.90 29.56 9.63
N GLN A 60 12.30 29.34 8.44
CA GLN A 60 12.01 30.37 7.47
C GLN A 60 10.51 30.60 7.40
N PRO A 61 10.07 31.81 7.06
CA PRO A 61 8.66 32.01 6.72
C PRO A 61 8.37 31.48 5.33
N ILE A 62 7.10 31.15 5.09
CA ILE A 62 6.70 30.71 3.76
C ILE A 62 6.93 31.87 2.79
N GLU A 63 7.46 31.54 1.60
CA GLU A 63 7.89 32.60 0.67
C GLU A 63 6.71 33.49 0.28
N LYS A 64 5.57 32.88 -0.02
CA LYS A 64 4.35 33.58 -0.35
C LYS A 64 3.25 33.04 0.55
N ASP A 65 2.68 33.90 1.36
CA ASP A 65 1.61 33.53 2.28
C ASP A 65 0.29 33.97 1.65
N TRP A 66 -0.51 33.00 1.23
CA TRP A 66 -1.80 33.26 0.61
C TRP A 66 -2.93 33.42 1.60
N ARG A 67 -2.71 33.11 2.88
CA ARG A 67 -3.82 33.03 3.81
C ARG A 67 -4.58 34.34 3.94
N SER A 68 -3.88 35.47 3.78
CA SER A 68 -4.48 36.78 3.91
C SER A 68 -4.51 37.55 2.59
N ALA A 69 -4.12 36.93 1.48
CA ALA A 69 -4.12 37.62 0.20
C ALA A 69 -5.54 37.89 -0.30
N PRO A 70 -5.70 38.89 -1.16
CA PRO A 70 -7.04 39.17 -1.72
C PRO A 70 -7.59 37.98 -2.48
N LEU A 71 -8.90 37.75 -2.33
CA LEU A 71 -9.50 36.57 -2.95
C LEU A 71 -9.37 36.60 -4.48
N ALA A 72 -9.47 37.78 -5.08
CA ALA A 72 -9.30 37.87 -6.54
C ALA A 72 -7.89 37.45 -6.96
N GLU A 73 -6.88 37.81 -6.16
N GLU A 73 -6.88 37.81 -6.16
CA GLU A 73 -5.51 37.41 -6.50
CA GLU A 73 -5.51 37.43 -6.48
C GLU A 73 -5.32 35.91 -6.36
C GLU A 73 -5.32 35.92 -6.36
N ILE A 74 -5.96 35.31 -5.34
CA ILE A 74 -5.91 33.87 -5.17
C ILE A 74 -6.54 33.17 -6.37
N ILE A 75 -7.69 33.65 -6.81
CA ILE A 75 -8.36 33.08 -7.96
C ILE A 75 -7.48 33.15 -9.21
N ASP A 76 -6.92 34.32 -9.50
CA ASP A 76 -6.12 34.48 -10.71
C ASP A 76 -4.88 33.59 -10.66
N HIS A 77 -4.30 33.44 -9.47
CA HIS A 77 -3.17 32.55 -9.27
C HIS A 77 -3.54 31.10 -9.52
N ILE A 78 -4.65 30.66 -8.94
CA ILE A 78 -5.12 29.30 -9.17
C ILE A 78 -5.27 29.00 -10.65
N ILE A 79 -5.85 29.95 -11.40
CA ILE A 79 -6.14 29.66 -12.81
C ILE A 79 -4.85 29.48 -13.59
N VAL A 80 -3.87 30.33 -13.35
CA VAL A 80 -2.64 30.26 -14.15
CA VAL A 80 -2.65 30.26 -14.16
C VAL A 80 -1.70 29.19 -13.61
N ARG A 81 -1.52 29.14 -12.28
CA ARG A 81 -0.54 28.21 -11.72
C ARG A 81 -1.05 26.77 -11.67
N TYR A 82 -2.36 26.55 -11.49
CA TYR A 82 -2.89 25.21 -11.37
C TYR A 82 -3.81 24.83 -12.53
N HIS A 83 -4.87 25.60 -12.82
CA HIS A 83 -5.81 25.11 -13.82
C HIS A 83 -5.12 24.95 -15.17
N ASP A 84 -4.44 26.01 -15.63
CA ASP A 84 -3.77 25.96 -16.93
C ASP A 84 -2.75 24.82 -16.97
N ARG A 85 -2.03 24.60 -15.87
CA ARG A 85 -1.01 23.55 -15.86
C ARG A 85 -1.64 22.17 -15.92
N HIS A 86 -2.69 21.92 -15.11
CA HIS A 86 -3.34 20.62 -15.14
C HIS A 86 -3.84 20.31 -16.54
N ARG A 87 -4.37 21.31 -17.23
CA ARG A 87 -4.90 21.10 -18.59
C ARG A 87 -3.80 20.74 -19.58
N GLU A 88 -2.56 21.12 -19.31
CA GLU A 88 -1.42 20.66 -20.11
C GLU A 88 -0.83 19.35 -19.62
N GLN A 89 -0.70 19.18 -18.30
CA GLN A 89 -0.05 18.03 -17.70
C GLN A 89 -0.81 16.74 -17.98
N LEU A 90 -2.13 16.77 -17.81
CA LEU A 90 -2.84 15.51 -17.78
C LEU A 90 -2.90 14.86 -19.15
N PRO A 91 -3.19 15.60 -20.23
CA PRO A 91 -3.13 14.96 -21.56
C PRO A 91 -1.78 14.34 -21.84
N GLU A 92 -0.70 14.99 -21.41
CA GLU A 92 0.63 14.43 -21.62
C GLU A 92 0.82 13.13 -20.84
N LEU A 93 0.39 13.09 -19.58
CA LEU A 93 0.50 11.87 -18.79
C LEU A 93 -0.36 10.75 -19.34
N ILE A 94 -1.55 11.08 -19.84
CA ILE A 94 -2.41 10.06 -20.42
C ILE A 94 -1.70 9.37 -21.57
N LEU A 95 -1.03 10.15 -22.43
CA LEU A 95 -0.34 9.52 -23.55
C LEU A 95 0.90 8.74 -23.09
N GLN A 96 1.64 9.26 -22.11
CA GLN A 96 2.78 8.51 -21.59
C GLN A 96 2.35 7.19 -20.97
N ALA A 97 1.29 7.23 -20.14
CA ALA A 97 0.81 6.01 -19.50
C ALA A 97 0.34 4.99 -20.52
N THR A 98 -0.36 5.44 -21.58
CA THR A 98 -0.74 4.56 -22.66
C THR A 98 0.47 3.82 -23.22
N LYS A 99 1.53 4.58 -23.49
CA LYS A 99 2.74 3.99 -24.06
C LYS A 99 3.36 2.99 -23.10
N VAL A 100 3.44 3.35 -21.82
CA VAL A 100 4.06 2.45 -20.85
C VAL A 100 3.24 1.18 -20.70
N GLU A 101 1.92 1.32 -20.64
CA GLU A 101 1.10 0.13 -20.43
C GLU A 101 1.19 -0.82 -21.61
N ARG A 102 1.44 -0.30 -22.82
CA ARG A 102 1.59 -1.19 -23.96
C ARG A 102 3.00 -1.77 -24.01
N VAL A 103 4.01 -0.91 -23.96
CA VAL A 103 5.39 -1.35 -24.13
C VAL A 103 5.79 -2.33 -23.04
N HIS A 104 5.37 -2.09 -21.80
CA HIS A 104 5.74 -2.94 -20.68
C HIS A 104 4.58 -3.82 -20.22
N ALA A 105 3.69 -4.18 -21.14
CA ALA A 105 2.52 -4.97 -20.77
C ALA A 105 2.94 -6.29 -20.14
N ASP A 106 3.99 -6.92 -20.65
CA ASP A 106 4.42 -8.22 -20.16
C ASP A 106 5.12 -8.16 -18.81
N LYS A 107 5.51 -6.97 -18.35
CA LYS A 107 6.25 -6.88 -17.10
C LYS A 107 5.32 -6.92 -15.90
N PRO A 108 5.82 -7.35 -14.74
CA PRO A 108 4.92 -7.56 -13.59
C PRO A 108 4.54 -6.24 -12.92
N SER A 109 5.48 -5.32 -12.89
CA SER A 109 5.31 -4.03 -12.23
C SER A 109 4.58 -3.00 -13.09
N VAL A 110 4.11 -3.36 -14.28
CA VAL A 110 3.51 -2.34 -15.16
C VAL A 110 2.25 -1.80 -14.52
N PRO A 111 2.02 -0.47 -14.48
CA PRO A 111 0.82 0.06 -13.78
C PRO A 111 -0.47 -0.08 -14.57
N LYS A 112 -0.98 -1.31 -14.67
CA LYS A 112 -2.21 -1.54 -15.43
C LYS A 112 -3.34 -0.73 -14.84
N GLY A 113 -4.11 -0.08 -15.72
CA GLY A 113 -5.20 0.77 -15.33
C GLY A 113 -4.85 2.23 -15.14
N LEU A 114 -3.56 2.57 -15.20
CA LEU A 114 -3.14 3.95 -14.94
C LEU A 114 -3.79 4.91 -15.95
N THR A 115 -3.75 4.56 -17.23
CA THR A 115 -4.36 5.42 -18.25
C THR A 115 -5.82 5.69 -17.92
N LYS A 116 -6.53 4.64 -17.51
CA LYS A 116 -7.95 4.76 -17.20
C LYS A 116 -8.15 5.75 -16.07
N TYR A 117 -7.34 5.66 -15.02
CA TYR A 117 -7.54 6.53 -13.86
C TYR A 117 -7.10 7.95 -14.17
N LEU A 118 -6.04 8.13 -14.95
CA LEU A 118 -5.68 9.48 -15.36
C LEU A 118 -6.77 10.10 -16.22
N THR A 119 -7.36 9.31 -17.11
CA THR A 119 -8.42 9.81 -17.98
C THR A 119 -9.63 10.24 -17.18
N MET A 120 -10.03 9.43 -16.18
CA MET A 120 -11.14 9.82 -15.30
C MET A 120 -10.82 11.11 -14.57
N LEU A 121 -9.62 11.21 -13.99
CA LEU A 121 -9.24 12.44 -13.32
C LEU A 121 -9.29 13.62 -14.27
N HIS A 122 -8.76 13.46 -15.49
CA HIS A 122 -8.79 14.55 -16.46
C HIS A 122 -10.22 14.98 -16.78
N GLU A 123 -11.12 14.03 -17.02
CA GLU A 123 -12.50 14.40 -17.36
C GLU A 123 -13.18 15.12 -16.20
N GLU A 124 -13.04 14.57 -15.00
CA GLU A 124 -13.69 15.15 -13.82
C GLU A 124 -13.10 16.50 -13.47
N LEU A 125 -11.77 16.61 -13.51
CA LEU A 125 -11.14 17.89 -13.20
C LEU A 125 -11.46 18.95 -14.26
N SER A 126 -11.45 18.58 -15.55
CA SER A 126 -11.77 19.54 -16.59
C SER A 126 -13.14 20.17 -16.38
N SER A 127 -14.17 19.36 -16.18
CA SER A 127 -15.51 19.89 -15.99
C SER A 127 -15.58 20.74 -14.74
N HIS A 128 -14.93 20.28 -13.68
CA HIS A 128 -14.89 20.97 -12.41
C HIS A 128 -14.24 22.32 -12.52
N MET A 129 -13.06 22.39 -13.17
CA MET A 129 -12.35 23.66 -13.29
C MET A 129 -13.13 24.64 -14.14
N MET A 130 -13.86 24.15 -15.14
CA MET A 130 -14.72 25.05 -15.93
C MET A 130 -15.83 25.66 -15.09
N LYS A 131 -16.44 24.86 -14.21
CA LYS A 131 -17.48 25.38 -13.32
C LYS A 131 -16.92 26.38 -12.33
N GLU A 132 -15.71 26.15 -11.80
CA GLU A 132 -15.09 27.17 -10.97
C GLU A 132 -14.86 28.46 -11.78
N GLU A 133 -14.30 28.34 -12.99
CA GLU A 133 -13.92 29.53 -13.73
C GLU A 133 -15.14 30.29 -14.25
N GLN A 134 -16.23 29.58 -14.55
CA GLN A 134 -17.42 30.17 -15.12
C GLN A 134 -18.53 30.50 -14.13
N ILE A 135 -18.53 29.90 -12.94
CA ILE A 135 -19.64 30.10 -12.03
C ILE A 135 -19.16 30.57 -10.67
N LEU A 136 -18.33 29.75 -10.00
CA LEU A 136 -18.01 30.05 -8.61
C LEU A 136 -17.02 31.22 -8.50
N PHE A 137 -15.93 31.18 -9.26
CA PHE A 137 -14.93 32.23 -9.12
C PHE A 137 -15.49 33.60 -9.47
N PRO A 138 -16.27 33.77 -10.54
CA PRO A 138 -16.90 35.09 -10.77
C PRO A 138 -17.81 35.52 -9.63
N MET A 139 -18.57 34.58 -9.07
CA MET A 139 -19.44 34.89 -7.93
C MET A 139 -18.61 35.43 -6.76
N ILE A 140 -17.46 34.81 -6.51
CA ILE A 140 -16.60 35.31 -5.45
C ILE A 140 -16.04 36.69 -5.80
N LYS A 141 -15.57 36.87 -7.04
CA LYS A 141 -15.04 38.19 -7.42
C LYS A 141 -16.12 39.26 -7.32
N GLN A 142 -17.38 38.89 -7.53
CA GLN A 142 -18.46 39.87 -7.41
C GLN A 142 -18.85 40.19 -5.98
N GLY A 143 -18.31 39.49 -4.99
CA GLY A 143 -18.63 39.78 -3.60
C GLY A 143 -19.78 38.97 -3.03
N MET A 144 -20.27 37.98 -3.77
CA MET A 144 -21.37 37.14 -3.34
C MET A 144 -20.89 35.85 -2.66
N GLY A 145 -19.63 35.79 -2.25
CA GLY A 145 -19.11 34.57 -1.65
C GLY A 145 -19.90 34.10 -0.43
N SER A 146 -20.44 35.04 0.35
CA SER A 146 -21.21 34.64 1.53
C SER A 146 -22.46 33.84 1.15
N GLN A 147 -22.89 33.92 -0.11
CA GLN A 147 -24.06 33.19 -0.59
C GLN A 147 -23.69 31.88 -1.30
N ALA A 148 -22.44 31.41 -1.19
CA ALA A 148 -21.93 30.34 -2.04
C ALA A 148 -21.84 29.00 -1.33
N MET A 149 -22.53 28.81 -0.21
CA MET A 149 -22.43 27.55 0.52
C MET A 149 -22.71 26.35 -0.40
N GLY A 150 -23.81 26.40 -1.15
CA GLY A 150 -24.18 25.33 -2.04
C GLY A 150 -23.11 25.02 -3.06
N PRO A 151 -22.76 26.01 -3.90
CA PRO A 151 -21.74 25.79 -4.92
C PRO A 151 -20.42 25.31 -4.33
N ILE A 152 -20.01 25.86 -3.19
CA ILE A 152 -18.75 25.42 -2.59
C ILE A 152 -18.85 23.98 -2.11
N SER A 153 -19.98 23.59 -1.52
CA SER A 153 -20.14 22.21 -1.10
C SER A 153 -20.05 21.25 -2.30
N VAL A 154 -20.59 21.65 -3.45
CA VAL A 154 -20.47 20.82 -4.65
C VAL A 154 -19.01 20.71 -5.07
N MET A 155 -18.29 21.82 -5.05
CA MET A 155 -16.88 21.77 -5.44
C MET A 155 -16.10 20.89 -4.47
N GLU A 156 -16.39 21.01 -3.17
CA GLU A 156 -15.63 20.24 -2.19
C GLU A 156 -15.92 18.76 -2.31
N SER A 157 -17.14 18.37 -2.71
CA SER A 157 -17.41 16.97 -2.98
C SER A 157 -16.55 16.44 -4.13
N LEU A 158 -16.40 17.22 -5.20
CA LEU A 158 -15.52 16.82 -6.30
C LEU A 158 -14.08 16.70 -5.84
N HIS A 159 -13.63 17.61 -4.97
CA HIS A 159 -12.28 17.47 -4.40
C HIS A 159 -12.08 16.12 -3.73
N ASP A 160 -13.08 15.66 -2.96
CA ASP A 160 -12.96 14.34 -2.32
C ASP A 160 -12.84 13.24 -3.38
N GLU A 161 -13.64 13.32 -4.46
CA GLU A 161 -13.56 12.32 -5.50
C GLU A 161 -12.21 12.35 -6.20
N ALA A 162 -11.67 13.56 -6.44
CA ALA A 162 -10.34 13.66 -7.03
C ALA A 162 -9.31 13.03 -6.10
N GLY A 163 -9.46 13.25 -4.81
CA GLY A 163 -8.55 12.61 -3.86
C GLY A 163 -8.62 11.10 -3.91
N GLU A 164 -9.83 10.55 -4.05
CA GLU A 164 -9.97 9.10 -4.21
C GLU A 164 -9.22 8.61 -5.44
N LEU A 165 -9.32 9.35 -6.55
CA LEU A 165 -8.59 8.97 -7.76
C LEU A 165 -7.09 9.03 -7.55
N LEU A 166 -6.62 10.05 -6.84
CA LEU A 166 -5.19 10.14 -6.53
C LEU A 166 -4.71 8.92 -5.75
N GLU A 167 -5.54 8.41 -4.83
CA GLU A 167 -5.14 7.23 -4.06
C GLU A 167 -5.02 6.01 -4.95
N VAL A 168 -5.93 5.88 -5.90
CA VAL A 168 -5.89 4.76 -6.83
C VAL A 168 -4.65 4.88 -7.72
N ILE A 169 -4.34 6.09 -8.18
CA ILE A 169 -3.16 6.30 -9.02
C ILE A 169 -1.89 5.98 -8.25
N LYS A 170 -1.82 6.41 -6.99
CA LYS A 170 -0.67 6.11 -6.17
C LYS A 170 -0.55 4.61 -5.92
N HIS A 171 -1.66 3.93 -5.65
CA HIS A 171 -1.57 2.50 -5.43
C HIS A 171 -1.12 1.76 -6.69
N THR A 172 -1.71 2.11 -7.84
CA THR A 172 -1.38 1.44 -9.10
C THR A 172 0.11 1.53 -9.43
N THR A 173 0.77 2.60 -8.98
CA THR A 173 2.16 2.91 -9.31
C THR A 173 3.11 2.64 -8.13
N ASN A 174 2.71 1.82 -7.16
CA ASN A 174 3.54 1.53 -5.98
C ASN A 174 4.01 2.83 -5.32
N ASN A 175 3.03 3.70 -5.03
CA ASN A 175 3.25 5.05 -4.50
C ASN A 175 4.21 5.84 -5.39
N VAL A 176 3.93 5.80 -6.71
CA VAL A 176 4.68 6.53 -7.73
C VAL A 176 6.16 6.22 -7.59
N THR A 177 6.48 4.95 -7.43
CA THR A 177 7.85 4.48 -7.35
C THR A 177 8.09 3.50 -8.48
N PRO A 178 8.97 3.81 -9.44
CA PRO A 178 9.18 2.91 -10.56
C PRO A 178 10.02 1.71 -10.14
N PRO A 179 9.86 0.59 -10.83
CA PRO A 179 10.70 -0.58 -10.53
C PRO A 179 12.12 -0.35 -10.99
N PRO A 180 13.02 -1.29 -10.70
CA PRO A 180 14.42 -1.14 -11.15
C PRO A 180 14.59 -1.24 -12.67
N GLU A 181 13.78 -2.05 -13.34
CA GLU A 181 13.85 -2.18 -14.79
C GLU A 181 13.10 -1.07 -15.52
N ALA A 182 12.80 0.04 -14.85
CA ALA A 182 12.08 1.12 -15.51
C ALA A 182 13.02 1.86 -16.44
N CYS A 183 12.63 1.98 -17.71
CA CYS A 183 13.35 2.79 -18.67
C CYS A 183 12.99 4.26 -18.45
N THR A 184 13.59 5.13 -19.27
CA THR A 184 13.47 6.58 -19.06
C THR A 184 12.04 7.09 -19.21
N THR A 185 11.29 6.56 -20.18
CA THR A 185 9.92 7.02 -20.33
C THR A 185 9.09 6.72 -19.09
N TRP A 186 9.22 5.51 -18.56
CA TRP A 186 8.50 5.14 -17.35
C TRP A 186 8.87 6.03 -16.18
N LYS A 187 10.16 6.24 -15.97
CA LYS A 187 10.61 7.07 -14.85
C LYS A 187 10.14 8.51 -15.03
N ALA A 188 10.24 9.04 -16.25
CA ALA A 188 9.84 10.42 -16.50
C ALA A 188 8.34 10.59 -16.26
N MET A 189 7.54 9.61 -16.65
CA MET A 189 6.11 9.69 -16.40
C MET A 189 5.79 9.75 -14.91
N TYR A 190 6.50 8.94 -14.12
CA TYR A 190 6.27 8.96 -12.68
C TYR A 190 6.66 10.30 -12.07
N ASN A 191 7.75 10.92 -12.54
CA ASN A 191 8.07 12.28 -12.10
C ASN A 191 6.93 13.24 -12.42
N GLY A 192 6.33 13.10 -13.61
CA GLY A 192 5.19 13.93 -13.97
C GLY A 192 3.98 13.65 -13.10
N ILE A 193 3.78 12.40 -12.71
CA ILE A 193 2.68 12.07 -11.84
C ILE A 193 2.88 12.70 -10.47
N ASN A 194 4.10 12.58 -9.93
CA ASN A 194 4.38 13.23 -8.64
C ASN A 194 4.20 14.74 -8.72
N GLU A 195 4.56 15.34 -9.86
CA GLU A 195 4.36 16.77 -10.01
C GLU A 195 2.88 17.11 -10.04
N LEU A 196 2.10 16.29 -10.75
CA LEU A 196 0.66 16.50 -10.79
C LEU A 196 0.05 16.35 -9.41
N ILE A 197 0.45 15.33 -8.65
CA ILE A 197 -0.12 15.13 -7.32
C ILE A 197 0.24 16.30 -6.41
N ASP A 198 1.52 16.67 -6.40
CA ASP A 198 1.97 17.82 -5.60
C ASP A 198 1.13 19.05 -5.92
N ASP A 199 0.99 19.37 -7.22
CA ASP A 199 0.27 20.56 -7.63
C ASP A 199 -1.20 20.47 -7.25
N LEU A 200 -1.83 19.32 -7.51
CA LEU A 200 -3.26 19.21 -7.28
C LEU A 200 -3.56 19.28 -5.81
N MET A 201 -2.67 18.74 -4.98
CA MET A 201 -2.90 18.84 -3.54
CA MET A 201 -2.90 18.84 -3.53
C MET A 201 -2.73 20.28 -3.06
N ASP A 202 -1.71 21.00 -3.56
CA ASP A 202 -1.57 22.40 -3.14
C ASP A 202 -2.73 23.25 -3.63
N HIS A 203 -3.20 22.94 -4.84
CA HIS A 203 -4.34 23.61 -5.46
C HIS A 203 -5.61 23.39 -4.65
N ILE A 204 -5.95 22.15 -4.33
CA ILE A 204 -7.14 21.90 -3.52
C ILE A 204 -6.99 22.50 -2.14
N SER A 205 -5.79 22.40 -1.57
CA SER A 205 -5.54 23.00 -0.27
C SER A 205 -5.83 24.51 -0.28
N LEU A 206 -5.38 25.19 -1.32
CA LEU A 206 -5.59 26.64 -1.37
C LEU A 206 -7.07 26.95 -1.44
N GLU A 207 -7.83 26.12 -2.15
CA GLU A 207 -9.27 26.33 -2.24
C GLU A 207 -9.98 25.94 -0.94
N ASN A 208 -9.77 24.70 -0.46
CA ASN A 208 -10.49 24.25 0.73
C ASN A 208 -10.10 25.04 1.97
N ASN A 209 -8.83 25.43 2.10
CA ASN A 209 -8.33 25.96 3.36
C ASN A 209 -8.20 27.47 3.36
N VAL A 210 -8.31 28.15 2.21
CA VAL A 210 -8.19 29.60 2.17
C VAL A 210 -9.35 30.22 1.39
N LEU A 211 -9.46 29.91 0.09
CA LEU A 211 -10.41 30.64 -0.76
C LEU A 211 -11.86 30.40 -0.34
N PHE A 212 -12.25 29.13 -0.20
CA PHE A 212 -13.65 28.86 0.10
C PHE A 212 -14.06 29.35 1.48
N PRO A 213 -13.32 29.06 2.57
CA PRO A 213 -13.80 29.54 3.87
C PRO A 213 -13.84 31.06 3.97
N ARG A 214 -12.84 31.75 3.40
CA ARG A 214 -12.84 33.21 3.48
C ARG A 214 -13.96 33.80 2.64
N ALA A 215 -14.22 33.21 1.47
CA ALA A 215 -15.36 33.65 0.66
C ALA A 215 -16.65 33.54 1.46
N LEU A 216 -16.88 32.39 2.08
CA LEU A 216 -18.09 32.19 2.87
C LEU A 216 -18.17 33.16 4.04
N ALA A 217 -17.04 33.51 4.62
CA ALA A 217 -16.97 34.46 5.71
C ALA A 217 -17.18 35.91 5.25
N GLY A 218 -17.37 36.15 3.97
CA GLY A 218 -17.68 37.48 3.49
C GLY A 218 -16.49 38.34 3.13
N GLU A 219 -15.31 37.76 2.98
CA GLU A 219 -14.11 38.54 2.68
C GLU A 219 -13.95 38.78 1.18
N ALA B 1 27.66 -13.88 9.59
CA ALA B 1 27.42 -13.29 8.28
C ALA B 1 26.00 -13.59 7.81
N TYR B 2 25.02 -13.05 8.53
CA TYR B 2 23.62 -13.29 8.17
C TYR B 2 23.29 -12.77 6.77
N ARG B 3 24.00 -11.73 6.32
CA ARG B 3 23.64 -11.11 5.04
C ARG B 3 23.78 -12.09 3.87
N ASP B 4 24.68 -13.06 3.97
CA ASP B 4 24.93 -14.00 2.89
C ASP B 4 24.06 -15.25 2.97
N GLN B 5 23.32 -15.45 4.05
CA GLN B 5 22.50 -16.65 4.14
C GLN B 5 21.16 -16.42 3.46
N PRO B 6 20.59 -17.44 2.82
CA PRO B 6 19.25 -17.28 2.23
C PRO B 6 18.21 -16.89 3.27
N LEU B 7 17.22 -16.08 2.83
CA LEU B 7 16.14 -15.69 3.73
C LEU B 7 15.49 -16.91 4.38
N GLY B 8 15.17 -17.93 3.57
CA GLY B 8 14.50 -19.09 4.12
C GLY B 8 15.32 -19.79 5.19
N GLU B 9 16.64 -19.87 4.98
CA GLU B 9 17.52 -20.50 5.95
C GLU B 9 17.50 -19.74 7.28
N LEU B 10 17.47 -18.41 7.23
CA LEU B 10 17.43 -17.62 8.46
C LEU B 10 16.12 -17.83 9.21
N ALA B 11 15.00 -17.87 8.49
CA ALA B 11 13.70 -18.05 9.13
C ALA B 11 13.57 -19.42 9.76
N LEU B 12 14.21 -20.44 9.19
CA LEU B 12 14.09 -21.81 9.69
C LEU B 12 15.10 -22.13 10.78
N SER B 13 16.05 -21.23 11.05
CA SER B 13 17.13 -21.49 11.99
C SER B 13 17.13 -20.55 13.19
N ILE B 14 16.44 -19.41 13.12
CA ILE B 14 16.46 -18.40 14.17
C ILE B 14 15.02 -18.20 14.65
N PRO B 15 14.74 -18.41 15.94
CA PRO B 15 13.36 -18.24 16.42
C PRO B 15 12.92 -16.80 16.29
N ARG B 16 11.68 -16.60 15.83
CA ARG B 16 11.07 -15.29 15.64
C ARG B 16 11.64 -14.53 14.45
N ALA B 17 12.52 -15.16 13.66
CA ALA B 17 13.04 -14.49 12.46
C ALA B 17 11.97 -14.34 11.39
N SER B 18 11.08 -15.33 11.25
CA SER B 18 10.02 -15.22 10.27
C SER B 18 9.17 -13.97 10.50
N ALA B 19 8.81 -13.70 11.75
CA ALA B 19 7.98 -12.53 12.02
C ALA B 19 8.72 -11.24 11.68
N LEU B 20 10.03 -11.22 11.90
CA LEU B 20 10.82 -10.04 11.54
C LEU B 20 10.81 -9.80 10.04
N PHE B 21 10.95 -10.86 9.24
CA PHE B 21 10.99 -10.70 7.79
C PHE B 21 9.66 -10.18 7.24
N ARG B 22 8.53 -10.62 7.82
CA ARG B 22 7.25 -10.09 7.40
C ARG B 22 7.10 -8.62 7.77
N LYS B 23 7.56 -8.25 8.97
CA LYS B 23 7.50 -6.85 9.38
C LYS B 23 8.19 -5.97 8.35
N TYR B 24 9.24 -6.47 7.70
CA TYR B 24 9.95 -5.74 6.65
C TYR B 24 9.42 -6.05 5.25
N ASP B 25 8.34 -6.83 5.14
CA ASP B 25 7.71 -7.16 3.86
C ASP B 25 8.67 -7.90 2.92
N MET B 26 9.51 -8.77 3.50
CA MET B 26 10.40 -9.61 2.73
C MET B 26 9.79 -10.99 2.54
N ASP B 27 9.78 -11.46 1.29
CA ASP B 27 9.18 -12.75 0.94
C ASP B 27 10.22 -13.84 1.18
N TYR B 28 10.22 -14.40 2.38
CA TYR B 28 11.11 -15.48 2.75
C TYR B 28 10.58 -16.86 2.38
N ALA B 29 9.35 -16.94 1.87
CA ALA B 29 8.71 -18.23 1.59
C ALA B 29 8.92 -18.64 0.13
N ALA B 30 8.26 -17.93 -0.80
CA ALA B 30 8.44 -18.20 -2.22
C ALA B 30 9.75 -17.63 -2.78
N GLY B 31 10.29 -16.60 -2.13
CA GLY B 31 11.57 -16.05 -2.53
C GLY B 31 12.64 -16.32 -1.49
N GLY B 32 12.51 -17.45 -0.80
CA GLY B 32 13.42 -17.77 0.29
C GLY B 32 14.82 -18.14 -0.13
N LYS B 33 15.07 -18.34 -1.44
CA LYS B 33 16.41 -18.65 -1.92
C LYS B 33 17.30 -17.42 -1.99
N GLN B 34 16.72 -16.22 -2.04
CA GLN B 34 17.52 -15.01 -2.11
C GLN B 34 18.17 -14.73 -0.76
N THR B 35 19.37 -14.16 -0.81
CA THR B 35 20.10 -13.80 0.41
C THR B 35 19.44 -12.61 1.10
N LEU B 36 19.73 -12.47 2.39
CA LEU B 36 19.25 -11.30 3.14
C LEU B 36 19.78 -10.00 2.56
N ALA B 37 21.04 -9.98 2.11
CA ALA B 37 21.62 -8.77 1.55
C ALA B 37 20.79 -8.27 0.37
N ARG B 38 20.45 -9.16 -0.56
CA ARG B 38 19.67 -8.74 -1.72
C ARG B 38 18.26 -8.33 -1.33
N ALA B 39 17.63 -9.06 -0.41
CA ALA B 39 16.30 -8.72 0.03
C ALA B 39 16.27 -7.33 0.66
N ALA B 40 17.21 -7.04 1.55
CA ALA B 40 17.31 -5.71 2.13
C ALA B 40 17.64 -4.66 1.08
N ALA B 41 18.44 -5.03 0.07
CA ALA B 41 18.79 -4.08 -0.98
C ALA B 41 17.56 -3.68 -1.78
N ARG B 42 16.69 -4.64 -2.11
CA ARG B 42 15.52 -4.33 -2.93
C ARG B 42 14.65 -3.27 -2.26
N LYS B 43 14.47 -3.36 -0.94
CA LYS B 43 13.63 -2.43 -0.19
C LYS B 43 14.43 -1.37 0.55
N GLU B 44 15.72 -1.25 0.27
CA GLU B 44 16.56 -0.17 0.78
C GLU B 44 16.56 -0.07 2.31
N LEU B 45 16.91 -1.19 2.95
CA LEU B 45 17.07 -1.23 4.40
C LEU B 45 18.54 -1.42 4.77
N ASP B 46 18.91 -0.87 5.92
CA ASP B 46 20.25 -1.07 6.47
C ASP B 46 20.35 -2.48 7.03
N VAL B 47 21.12 -3.35 6.34
CA VAL B 47 21.15 -4.75 6.72
C VAL B 47 21.87 -4.96 8.04
N GLU B 48 22.77 -4.04 8.41
CA GLU B 48 23.44 -4.15 9.70
C GLU B 48 22.45 -4.11 10.84
N VAL B 49 21.44 -3.23 10.75
CA VAL B 49 20.39 -3.18 11.76
C VAL B 49 19.65 -4.51 11.86
N ILE B 50 19.33 -5.11 10.71
CA ILE B 50 18.62 -6.38 10.71
C ILE B 50 19.51 -7.49 11.28
N GLU B 51 20.82 -7.43 11.00
CA GLU B 51 21.73 -8.42 11.55
C GLU B 51 21.76 -8.36 13.08
N ALA B 52 21.62 -7.17 13.65
CA ALA B 52 21.58 -7.04 15.10
C ALA B 52 20.32 -7.68 15.67
N GLU B 53 19.18 -7.48 15.00
CA GLU B 53 17.94 -8.12 15.45
C GLU B 53 18.03 -9.63 15.35
N LEU B 54 18.61 -10.13 14.25
CA LEU B 54 18.77 -11.58 14.09
C LEU B 54 19.73 -12.16 15.13
N ALA B 55 20.84 -11.44 15.40
CA ALA B 55 21.82 -11.94 16.37
C ALA B 55 21.22 -12.07 17.75
N LYS B 56 20.41 -11.09 18.18
CA LYS B 56 19.82 -11.14 19.50
C LYS B 56 18.80 -12.29 19.60
N LEU B 57 18.01 -12.49 18.54
CA LEU B 57 17.09 -13.62 18.50
C LEU B 57 17.84 -14.96 18.54
N ALA B 58 19.00 -15.03 17.87
CA ALA B 58 19.75 -16.26 17.75
C ALA B 58 20.39 -16.70 19.07
N GLU B 59 20.18 -15.94 20.16
CA GLU B 59 20.62 -16.39 21.48
C GLU B 59 19.89 -17.65 21.92
N GLN B 60 18.68 -17.92 21.36
CA GLN B 60 17.95 -19.15 21.58
C GLN B 60 18.04 -20.06 20.35
N PRO B 61 18.00 -21.38 20.54
CA PRO B 61 17.82 -22.26 19.38
C PRO B 61 16.36 -22.32 18.96
N ILE B 62 16.14 -22.56 17.67
CA ILE B 62 14.77 -22.76 17.20
C ILE B 62 14.23 -24.03 17.83
N GLU B 63 12.97 -23.99 18.28
CA GLU B 63 12.45 -25.10 19.08
C GLU B 63 12.53 -26.40 18.30
N LYS B 64 12.14 -26.39 17.03
CA LYS B 64 12.27 -27.55 16.16
C LYS B 64 12.93 -27.11 14.87
N ASP B 65 14.09 -27.69 14.56
CA ASP B 65 14.82 -27.40 13.33
C ASP B 65 14.47 -28.49 12.33
N TRP B 66 13.73 -28.11 11.29
CA TRP B 66 13.29 -29.05 10.27
C TRP B 66 14.30 -29.23 9.14
N ARG B 67 15.35 -28.40 9.10
CA ARG B 67 16.22 -28.38 7.93
C ARG B 67 16.87 -29.73 7.68
N SER B 68 17.16 -30.48 8.74
CA SER B 68 17.82 -31.78 8.62
C SER B 68 16.92 -32.93 9.03
N ALA B 69 15.64 -32.66 9.31
CA ALA B 69 14.74 -33.71 9.71
C ALA B 69 14.43 -34.63 8.53
N PRO B 70 14.04 -35.87 8.80
CA PRO B 70 13.66 -36.78 7.72
C PRO B 70 12.49 -36.22 6.91
N LEU B 71 12.55 -36.41 5.60
CA LEU B 71 11.52 -35.85 4.74
C LEU B 71 10.13 -36.39 5.09
N ALA B 72 10.05 -37.66 5.50
CA ALA B 72 8.77 -38.21 5.91
C ALA B 72 8.20 -37.48 7.11
N GLU B 73 9.07 -37.09 8.05
CA GLU B 73 8.59 -36.36 9.22
C GLU B 73 8.15 -34.96 8.83
N ILE B 74 8.86 -34.32 7.91
CA ILE B 74 8.46 -32.99 7.43
C ILE B 74 7.09 -33.06 6.78
N ILE B 75 6.88 -34.06 5.92
CA ILE B 75 5.60 -34.22 5.24
C ILE B 75 4.47 -34.37 6.26
N ASP B 76 4.64 -35.29 7.23
CA ASP B 76 3.56 -35.52 8.20
C ASP B 76 3.30 -34.26 9.03
N HIS B 77 4.36 -33.51 9.32
CA HIS B 77 4.22 -32.26 10.05
C HIS B 77 3.43 -31.23 9.24
N ILE B 78 3.76 -31.11 7.96
CA ILE B 78 3.06 -30.17 7.08
C ILE B 78 1.57 -30.48 7.06
N ILE B 79 1.21 -31.76 6.95
CA ILE B 79 -0.21 -32.13 6.79
C ILE B 79 -0.99 -31.74 8.04
N VAL B 80 -0.46 -32.03 9.22
CA VAL B 80 -1.23 -31.77 10.44
CA VAL B 80 -1.23 -31.77 10.44
C VAL B 80 -1.14 -30.32 10.88
N ARG B 81 0.06 -29.75 10.83
CA ARG B 81 0.24 -28.38 11.31
C ARG B 81 -0.27 -27.32 10.34
N TYR B 82 -0.21 -27.56 9.02
CA TYR B 82 -0.60 -26.54 8.06
C TYR B 82 -1.81 -26.95 7.23
N HIS B 83 -1.77 -28.09 6.55
CA HIS B 83 -2.88 -28.43 5.67
C HIS B 83 -4.18 -28.54 6.47
N ASP B 84 -4.17 -29.32 7.55
CA ASP B 84 -5.38 -29.47 8.35
C ASP B 84 -5.84 -28.12 8.89
N ARG B 85 -4.90 -27.26 9.31
CA ARG B 85 -5.27 -25.97 9.85
C ARG B 85 -5.85 -25.06 8.78
N HIS B 86 -5.20 -24.97 7.61
CA HIS B 86 -5.75 -24.16 6.53
C HIS B 86 -7.17 -24.59 6.19
N ARG B 87 -7.42 -25.91 6.16
CA ARG B 87 -8.74 -26.42 5.79
C ARG B 87 -9.80 -26.04 6.82
N GLU B 88 -9.42 -25.78 8.07
CA GLU B 88 -10.34 -25.27 9.09
C GLU B 88 -10.39 -23.74 9.11
N GLN B 89 -9.23 -23.07 8.97
CA GLN B 89 -9.19 -21.63 9.08
C GLN B 89 -9.99 -20.96 7.98
N LEU B 90 -9.81 -21.40 6.74
CA LEU B 90 -10.27 -20.61 5.62
C LEU B 90 -11.80 -20.59 5.53
N PRO B 91 -12.48 -21.72 5.75
CA PRO B 91 -13.96 -21.65 5.77
C PRO B 91 -14.48 -20.67 6.80
N GLU B 92 -13.85 -20.64 7.97
CA GLU B 92 -14.28 -19.71 9.02
C GLU B 92 -14.01 -18.27 8.60
N LEU B 93 -12.85 -18.00 8.00
CA LEU B 93 -12.54 -16.63 7.58
C LEU B 93 -13.48 -16.18 6.47
N ILE B 94 -13.84 -17.09 5.58
CA ILE B 94 -14.75 -16.74 4.50
C ILE B 94 -16.07 -16.24 5.07
N LEU B 95 -16.59 -16.92 6.09
CA LEU B 95 -17.88 -16.50 6.65
C LEU B 95 -17.74 -15.20 7.45
N GLN B 96 -16.64 -15.03 8.17
CA GLN B 96 -16.44 -13.77 8.91
C GLN B 96 -16.37 -12.59 7.95
N ALA B 97 -15.58 -12.73 6.87
CA ALA B 97 -15.46 -11.65 5.90
C ALA B 97 -16.80 -11.32 5.27
N THR B 98 -17.58 -12.34 4.91
CA THR B 98 -18.93 -12.12 4.40
C THR B 98 -19.74 -11.25 5.34
N LYS B 99 -19.73 -11.62 6.63
CA LYS B 99 -20.51 -10.87 7.60
C LYS B 99 -20.00 -9.43 7.70
N VAL B 100 -18.68 -9.25 7.72
CA VAL B 100 -18.14 -7.90 7.85
C VAL B 100 -18.52 -7.07 6.63
N GLU B 101 -18.42 -7.65 5.44
CA GLU B 101 -18.70 -6.89 4.22
C GLU B 101 -20.17 -6.49 4.12
N ARG B 102 -21.08 -7.27 4.70
CA ARG B 102 -22.49 -6.90 4.69
C ARG B 102 -22.80 -5.91 5.82
N VAL B 103 -22.41 -6.27 7.05
CA VAL B 103 -22.75 -5.43 8.19
C VAL B 103 -22.14 -4.04 8.06
N HIS B 104 -20.90 -3.96 7.60
CA HIS B 104 -20.20 -2.68 7.46
C HIS B 104 -20.11 -2.24 6.01
N ALA B 105 -21.06 -2.64 5.18
CA ALA B 105 -21.01 -2.28 3.77
C ALA B 105 -20.98 -0.77 3.60
N ASP B 106 -21.75 -0.03 4.41
CA ASP B 106 -21.82 1.41 4.25
C ASP B 106 -20.57 2.12 4.77
N LYS B 107 -19.69 1.43 5.48
CA LYS B 107 -18.50 2.08 6.02
C LYS B 107 -17.41 2.19 4.96
N PRO B 108 -16.49 3.17 5.11
CA PRO B 108 -15.49 3.42 4.06
C PRO B 108 -14.31 2.46 4.09
N SER B 109 -13.84 2.12 5.29
CA SER B 109 -12.68 1.25 5.46
C SER B 109 -13.03 -0.24 5.33
N VAL B 110 -14.27 -0.57 4.97
CA VAL B 110 -14.69 -1.97 4.93
C VAL B 110 -13.85 -2.71 3.89
N PRO B 111 -13.32 -3.93 4.17
CA PRO B 111 -12.47 -4.60 3.18
C PRO B 111 -13.24 -5.22 2.03
N LYS B 112 -13.73 -4.38 1.13
CA LYS B 112 -14.50 -4.84 -0.01
C LYS B 112 -13.70 -5.83 -0.86
N GLY B 113 -14.33 -6.95 -1.21
CA GLY B 113 -13.68 -7.97 -2.01
C GLY B 113 -12.94 -9.03 -1.22
N LEU B 114 -12.85 -8.88 0.09
CA LEU B 114 -12.08 -9.84 0.90
C LEU B 114 -12.64 -11.24 0.76
N THR B 115 -13.97 -11.39 0.87
CA THR B 115 -14.58 -12.70 0.74
C THR B 115 -14.16 -13.36 -0.57
N LYS B 116 -14.18 -12.60 -1.66
CA LYS B 116 -13.83 -13.11 -2.98
C LYS B 116 -12.42 -13.66 -3.01
N TYR B 117 -11.47 -12.92 -2.43
CA TYR B 117 -10.06 -13.34 -2.47
C TYR B 117 -9.79 -14.46 -1.48
N LEU B 118 -10.44 -14.47 -0.31
CA LEU B 118 -10.30 -15.61 0.58
C LEU B 118 -10.83 -16.86 -0.09
N THR B 119 -11.94 -16.73 -0.82
CA THR B 119 -12.55 -17.87 -1.49
C THR B 119 -11.63 -18.43 -2.58
N MET B 120 -11.01 -17.56 -3.37
CA MET B 120 -10.07 -18.02 -4.38
C MET B 120 -8.90 -18.76 -3.74
N LEU B 121 -8.31 -18.17 -2.71
CA LEU B 121 -7.21 -18.84 -2.02
C LEU B 121 -7.64 -20.20 -1.49
N HIS B 122 -8.85 -20.30 -0.94
CA HIS B 122 -9.33 -21.57 -0.43
C HIS B 122 -9.47 -22.62 -1.54
N GLU B 123 -10.06 -22.22 -2.68
CA GLU B 123 -10.23 -23.18 -3.77
C GLU B 123 -8.86 -23.64 -4.31
N GLU B 124 -7.96 -22.70 -4.56
CA GLU B 124 -6.66 -23.04 -5.13
C GLU B 124 -5.80 -23.82 -4.14
N LEU B 125 -5.77 -23.39 -2.89
CA LEU B 125 -4.99 -24.10 -1.88
C LEU B 125 -5.56 -25.50 -1.61
N SER B 126 -6.88 -25.64 -1.55
CA SER B 126 -7.47 -26.95 -1.32
C SER B 126 -7.01 -27.93 -2.39
N SER B 127 -7.15 -27.56 -3.66
CA SER B 127 -6.76 -28.43 -4.75
C SER B 127 -5.27 -28.72 -4.71
N HIS B 128 -4.48 -27.69 -4.39
CA HIS B 128 -3.03 -27.83 -4.31
C HIS B 128 -2.63 -28.80 -3.22
N MET B 129 -3.21 -28.62 -2.03
CA MET B 129 -2.82 -29.49 -0.92
C MET B 129 -3.22 -30.93 -1.19
N MET B 130 -4.34 -31.14 -1.87
CA MET B 130 -4.76 -32.51 -2.21
C MET B 130 -3.78 -33.17 -3.17
N LYS B 131 -3.26 -32.41 -4.14
CA LYS B 131 -2.26 -32.96 -5.06
C LYS B 131 -0.98 -33.30 -4.32
N GLU B 132 -0.59 -32.45 -3.37
CA GLU B 132 0.57 -32.79 -2.54
C GLU B 132 0.33 -34.06 -1.75
N GLU B 133 -0.83 -34.16 -1.10
CA GLU B 133 -1.06 -35.32 -0.23
C GLU B 133 -1.26 -36.60 -1.02
N GLN B 134 -1.81 -36.51 -2.23
CA GLN B 134 -2.14 -37.71 -3.01
C GLN B 134 -1.09 -38.07 -4.05
N ILE B 135 -0.22 -37.14 -4.46
CA ILE B 135 0.72 -37.43 -5.54
C ILE B 135 2.16 -37.14 -5.13
N LEU B 136 2.45 -35.89 -4.79
CA LEU B 136 3.84 -35.51 -4.59
C LEU B 136 4.40 -36.11 -3.29
N PHE B 137 3.69 -35.94 -2.18
CA PHE B 137 4.23 -36.40 -0.91
C PHE B 137 4.44 -37.90 -0.86
N PRO B 138 3.51 -38.74 -1.31
CA PRO B 138 3.82 -40.18 -1.34
C PRO B 138 5.02 -40.47 -2.20
N MET B 139 5.14 -39.77 -3.33
CA MET B 139 6.29 -40.00 -4.20
C MET B 139 7.59 -39.73 -3.46
N ILE B 140 7.62 -38.68 -2.65
CA ILE B 140 8.82 -38.37 -1.88
C ILE B 140 9.06 -39.45 -0.82
N LYS B 141 7.99 -39.88 -0.13
CA LYS B 141 8.15 -40.92 0.89
C LYS B 141 8.67 -42.22 0.30
N GLN B 142 8.31 -42.53 -0.96
CA GLN B 142 8.80 -43.75 -1.58
C GLN B 142 10.25 -43.63 -2.03
N GLY B 143 10.85 -42.44 -1.93
CA GLY B 143 12.22 -42.25 -2.32
C GLY B 143 12.42 -41.82 -3.75
N MET B 144 11.35 -41.51 -4.47
CA MET B 144 11.44 -41.12 -5.87
C MET B 144 11.53 -39.61 -6.06
N GLY B 145 11.91 -38.87 -5.01
CA GLY B 145 11.98 -37.42 -5.09
C GLY B 145 12.89 -36.92 -6.20
N SER B 146 13.96 -37.64 -6.50
CA SER B 146 14.87 -37.21 -7.55
C SER B 146 14.19 -37.13 -8.91
N GLN B 147 13.04 -37.78 -9.08
CA GLN B 147 12.31 -37.76 -10.34
C GLN B 147 11.21 -36.73 -10.35
N ALA B 148 11.18 -35.82 -9.37
CA ALA B 148 10.03 -34.97 -9.11
C ALA B 148 10.19 -33.56 -9.64
N MET B 149 11.11 -33.33 -10.58
CA MET B 149 11.31 -31.98 -11.10
C MET B 149 9.99 -31.39 -11.58
N GLY B 150 9.27 -32.14 -12.42
CA GLY B 150 8.05 -31.67 -13.02
C GLY B 150 7.02 -31.30 -11.99
N PRO B 151 6.58 -32.28 -11.20
CA PRO B 151 5.55 -32.01 -10.17
C PRO B 151 5.92 -30.90 -9.21
N ILE B 152 7.19 -30.85 -8.78
CA ILE B 152 7.60 -29.81 -7.84
C ILE B 152 7.50 -28.44 -8.49
N SER B 153 7.92 -28.33 -9.75
CA SER B 153 7.78 -27.05 -10.46
C SER B 153 6.32 -26.62 -10.55
N VAL B 154 5.41 -27.58 -10.74
CA VAL B 154 3.99 -27.27 -10.76
C VAL B 154 3.54 -26.74 -9.41
N MET B 155 4.01 -27.36 -8.33
CA MET B 155 3.63 -26.92 -7.00
C MET B 155 4.17 -25.51 -6.73
N GLU B 156 5.41 -25.25 -7.15
CA GLU B 156 6.02 -23.96 -6.83
C GLU B 156 5.35 -22.83 -7.59
N SER B 157 4.81 -23.10 -8.78
CA SER B 157 4.02 -22.10 -9.47
C SER B 157 2.81 -21.70 -8.65
N LEU B 158 2.12 -22.68 -8.07
CA LEU B 158 0.96 -22.37 -7.24
C LEU B 158 1.37 -21.55 -6.02
N HIS B 159 2.51 -21.89 -5.40
CA HIS B 159 3.00 -21.08 -4.30
C HIS B 159 3.14 -19.61 -4.70
N ASP B 160 3.66 -19.35 -5.92
CA ASP B 160 3.76 -17.97 -6.39
C ASP B 160 2.40 -17.32 -6.51
N GLU B 161 1.40 -18.05 -7.04
CA GLU B 161 0.05 -17.49 -7.16
C GLU B 161 -0.55 -17.27 -5.79
N ALA B 162 -0.35 -18.21 -4.87
CA ALA B 162 -0.87 -18.02 -3.51
C ALA B 162 -0.26 -16.78 -2.87
N GLY B 163 1.04 -16.55 -3.11
CA GLY B 163 1.67 -15.34 -2.60
C GLY B 163 1.03 -14.08 -3.14
N GLU B 164 0.67 -14.09 -4.42
CA GLU B 164 -0.03 -12.95 -5.00
C GLU B 164 -1.35 -12.70 -4.28
N LEU B 165 -2.10 -13.76 -4.00
CA LEU B 165 -3.37 -13.58 -3.31
C LEU B 165 -3.15 -12.99 -1.92
N LEU B 166 -2.10 -13.44 -1.22
CA LEU B 166 -1.81 -12.88 0.10
C LEU B 166 -1.57 -11.37 0.00
N GLU B 167 -0.91 -10.92 -1.08
CA GLU B 167 -0.66 -9.49 -1.24
C GLU B 167 -1.95 -8.72 -1.46
N VAL B 168 -2.88 -9.26 -2.24
CA VAL B 168 -4.15 -8.58 -2.45
C VAL B 168 -4.94 -8.52 -1.15
N ILE B 169 -4.94 -9.62 -0.41
CA ILE B 169 -5.63 -9.66 0.87
C ILE B 169 -5.02 -8.65 1.84
N LYS B 170 -3.69 -8.55 1.84
CA LYS B 170 -3.03 -7.60 2.72
C LYS B 170 -3.37 -6.16 2.34
N HIS B 171 -3.42 -5.84 1.05
CA HIS B 171 -3.74 -4.49 0.65
C HIS B 171 -5.20 -4.16 0.97
N THR B 172 -6.11 -5.08 0.63
CA THR B 172 -7.53 -4.83 0.85
C THR B 172 -7.80 -4.52 2.33
N THR B 173 -6.95 -5.02 3.22
CA THR B 173 -7.17 -4.90 4.66
C THR B 173 -6.21 -3.90 5.31
N ASN B 174 -5.58 -3.03 4.51
CA ASN B 174 -4.57 -2.10 5.01
C ASN B 174 -3.49 -2.84 5.79
N ASN B 175 -2.93 -3.87 5.16
CA ASN B 175 -1.95 -4.76 5.79
C ASN B 175 -2.48 -5.34 7.10
N VAL B 176 -3.72 -5.85 7.03
CA VAL B 176 -4.34 -6.51 8.17
C VAL B 176 -4.32 -5.60 9.39
N THR B 177 -4.67 -4.34 9.21
CA THR B 177 -4.76 -3.36 10.29
C THR B 177 -6.20 -2.87 10.37
N PRO B 178 -6.92 -3.12 11.46
CA PRO B 178 -8.32 -2.74 11.50
C PRO B 178 -8.48 -1.24 11.73
N PRO B 179 -9.57 -0.66 11.22
CA PRO B 179 -9.84 0.76 11.49
C PRO B 179 -10.31 0.96 12.92
N PRO B 180 -10.55 2.20 13.33
CA PRO B 180 -11.03 2.43 14.71
C PRO B 180 -12.44 1.93 14.96
N GLU B 181 -13.34 2.01 13.97
CA GLU B 181 -14.71 1.55 14.11
C GLU B 181 -14.86 0.05 13.90
N ALA B 182 -13.76 -0.69 14.06
CA ALA B 182 -13.81 -2.14 13.89
C ALA B 182 -14.55 -2.77 15.05
N CYS B 183 -15.56 -3.56 14.72
CA CYS B 183 -16.29 -4.34 15.70
C CYS B 183 -15.45 -5.54 16.15
N THR B 184 -15.99 -6.32 17.07
CA THR B 184 -15.24 -7.46 17.59
C THR B 184 -15.00 -8.49 16.51
N THR B 185 -16.01 -8.74 15.67
CA THR B 185 -15.86 -9.70 14.58
C THR B 185 -14.77 -9.25 13.62
N TRP B 186 -14.76 -7.97 13.27
CA TRP B 186 -13.76 -7.43 12.36
C TRP B 186 -12.35 -7.60 12.92
N LYS B 187 -12.16 -7.25 14.19
CA LYS B 187 -10.83 -7.37 14.80
C LYS B 187 -10.40 -8.83 14.89
N ALA B 188 -11.29 -9.71 15.32
CA ALA B 188 -10.92 -11.12 15.44
C ALA B 188 -10.59 -11.71 14.09
N MET B 189 -11.33 -11.31 13.05
CA MET B 189 -11.06 -11.82 11.71
C MET B 189 -9.66 -11.44 11.23
N TYR B 190 -9.23 -10.20 11.50
CA TYR B 190 -7.89 -9.78 11.11
C TYR B 190 -6.82 -10.55 11.86
N ASN B 191 -7.04 -10.80 13.15
CA ASN B 191 -6.12 -11.67 13.89
C ASN B 191 -6.06 -13.05 13.25
N GLY B 192 -7.21 -13.57 12.80
CA GLY B 192 -7.22 -14.83 12.09
C GLY B 192 -6.52 -14.76 10.73
N ILE B 193 -6.66 -13.64 10.04
CA ILE B 193 -5.97 -13.48 8.76
C ILE B 193 -4.47 -13.42 8.97
N ASN B 194 -4.02 -12.66 9.97
CA ASN B 194 -2.59 -12.64 10.25
C ASN B 194 -2.10 -14.02 10.62
N GLU B 195 -2.92 -14.80 11.33
CA GLU B 195 -2.54 -16.16 11.66
C GLU B 195 -2.43 -17.01 10.40
N LEU B 196 -3.36 -16.87 9.47
CA LEU B 196 -3.29 -17.61 8.22
C LEU B 196 -2.08 -17.21 7.39
N ILE B 197 -1.80 -15.91 7.28
CA ILE B 197 -0.67 -15.46 6.48
C ILE B 197 0.64 -16.00 7.06
N ASP B 198 0.82 -15.85 8.37
CA ASP B 198 2.00 -16.40 9.04
C ASP B 198 2.14 -17.89 8.77
N ASP B 199 1.07 -18.66 8.97
CA ASP B 199 1.13 -20.10 8.78
C ASP B 199 1.47 -20.44 7.34
N LEU B 200 0.79 -19.79 6.38
CA LEU B 200 0.96 -20.18 4.98
C LEU B 200 2.38 -19.85 4.51
N MET B 201 2.94 -18.73 4.96
CA MET B 201 4.29 -18.39 4.55
CA MET B 201 4.29 -18.38 4.55
C MET B 201 5.30 -19.36 5.14
N ASP B 202 5.13 -19.77 6.41
CA ASP B 202 6.01 -20.77 7.00
C ASP B 202 5.82 -22.12 6.32
N HIS B 203 4.60 -22.43 5.93
CA HIS B 203 4.29 -23.66 5.21
C HIS B 203 5.01 -23.69 3.87
N ILE B 204 4.84 -22.64 3.07
CA ILE B 204 5.51 -22.58 1.78
C ILE B 204 7.02 -22.51 1.96
N SER B 205 7.50 -21.80 2.97
CA SER B 205 8.95 -21.74 3.19
C SER B 205 9.51 -23.14 3.41
N LEU B 206 8.84 -23.94 4.25
CA LEU B 206 9.33 -25.28 4.56
C LEU B 206 9.36 -26.15 3.32
N GLU B 207 8.38 -25.97 2.44
CA GLU B 207 8.35 -26.76 1.21
C GLU B 207 9.40 -26.28 0.22
N ASN B 208 9.38 -24.98 -0.10
CA ASN B 208 10.29 -24.44 -1.12
C ASN B 208 11.76 -24.54 -0.71
N ASN B 209 12.05 -24.39 0.59
CA ASN B 209 13.42 -24.23 1.05
C ASN B 209 13.99 -25.48 1.72
N VAL B 210 13.18 -26.50 2.01
CA VAL B 210 13.67 -27.71 2.65
C VAL B 210 13.18 -28.97 1.95
N LEU B 211 11.87 -29.19 1.93
CA LEU B 211 11.34 -30.46 1.44
C LEU B 211 11.61 -30.66 -0.04
N PHE B 212 11.28 -29.65 -0.86
CA PHE B 212 11.43 -29.83 -2.30
C PHE B 212 12.90 -29.95 -2.72
N PRO B 213 13.81 -29.07 -2.29
CA PRO B 213 15.20 -29.22 -2.73
C PRO B 213 15.87 -30.49 -2.23
N ARG B 214 15.59 -30.90 -0.99
CA ARG B 214 16.19 -32.14 -0.50
C ARG B 214 15.62 -33.35 -1.21
N ALA B 215 14.31 -33.35 -1.48
CA ALA B 215 13.72 -34.42 -2.27
C ALA B 215 14.40 -34.54 -3.63
N LEU B 216 14.53 -33.40 -4.33
CA LEU B 216 15.16 -33.43 -5.65
C LEU B 216 16.60 -33.92 -5.58
N ALA B 217 17.31 -33.54 -4.51
CA ALA B 217 18.69 -33.95 -4.33
C ALA B 217 18.83 -35.41 -3.93
N GLY B 218 17.73 -36.13 -3.73
CA GLY B 218 17.80 -37.54 -3.42
C GLY B 218 17.93 -37.85 -1.95
N GLU B 219 17.63 -36.89 -1.09
CA GLU B 219 17.78 -37.05 0.36
C GLU B 219 16.54 -37.70 0.97
MN MN C . -9.59 24.84 -8.92
MN MN D . -11.55 22.95 -7.16
O O E . -9.99 22.40 -9.00
C1 GOL F . 2.94 10.97 -4.18
O1 GOL F . 3.96 10.13 -3.74
C2 GOL F . 2.85 12.22 -3.23
O2 GOL F . 2.90 13.42 -3.99
C3 GOL F . 1.52 11.98 -2.39
O3 GOL F . 1.45 12.88 -1.32
H11 GOL F . 3.08 11.28 -5.08
H12 GOL F . 2.08 10.52 -4.19
HO1 GOL F . 4.62 10.65 -3.55
H2 GOL F . 3.59 12.31 -2.60
HO2 GOL F . 2.89 13.22 -4.82
H31 GOL F . 1.51 11.05 -2.11
H32 GOL F . 0.77 12.05 -3.01
HO3 GOL F . 1.96 12.58 -0.70
S SO4 G . -1.44 22.68 -26.74
O1 SO4 G . -0.11 22.09 -26.65
O2 SO4 G . -2.45 21.62 -26.77
O3 SO4 G . -1.67 23.55 -25.58
O4 SO4 G . -1.55 23.49 -27.96
CL CL H . -4.66 12.06 6.55
MN MN I . 1.57 -27.98 1.37
MN MN J . 2.52 -26.51 -1.36
O O K . 0.63 -26.00 0.18
#